data_6B9Y
#
_entry.id   6B9Y
#
_cell.length_a   52.990
_cell.length_b   104.600
_cell.length_c   116.290
_cell.angle_alpha   90.00
_cell.angle_beta   90.00
_cell.angle_gamma   90.00
#
_symmetry.space_group_name_H-M   'P 21 21 21'
#
loop_
_entity.id
_entity.type
_entity.pdbx_description
1 polymer 'Trastuzumab Fab light chain'
2 polymer 'Trastuzumab Fab heavy chain'
3 polymer 'Protein L'
4 polymer 'Immunoglobulin G binding protein A'
5 polymer meditope
6 water water
#
loop_
_entity_poly.entity_id
_entity_poly.type
_entity_poly.pdbx_seq_one_letter_code
_entity_poly.pdbx_strand_id
1 'polypeptide(L)'
;DIQMTQSPILLSASVGDRVTITCRASQDVNTAVAWYQQRTNGSPRLLIYSASFLYSGVPSRFSGSRSGTDFTLTISSLQP
EDEADYYCQQHYTTPPTFGAGTKVEIKRTVAAPSVFIFPPSDEQLKSGTASVVCLLNNFYPREAKVQWKVDNALQSGNSQ
ESVTEQDSKDSTYSLSSTLTLSKADYEKHKVYACEVTHQGLSSPVTKSFNRGEC
;
A
2 'polypeptide(L)'
;EVQLVESGGGLVQPGGSLRLSCAASGFNIKDTYIHWVRQSPGKGLEWVARIYPTNGYTRYADSVKGRFTISADTSKNTAY
LQMNSLRAEDTAIYYCSRWGGDGFYAMDYWGQGTLVTVSSASTKGPSVFPLAPSSKSTSGGTAALGCLVKDYFPEPVTVS
WNSGALTSGVHTFPCVLQSSGLYSLSSVVTVPSSSLGTQTYICNVNHKPSNTKVDKKVEPKSC
;
B
3 'polypeptide(L)' GSEVTIKVNLIFADGKIQTAEFKGTFEEATAEAYRYAALLAKVNGEYTADLEDGGNHMNIKFAG E
4 'polypeptide(L)' GSYNKDQQSAFYEILNMPNLNEAQRNGFIQSLKDDPSQSTNVLGEAKKLNESQA C
5 'polypeptide(L)' (ACE)SQFDFCTRRLQSGGK D
#
loop_
_chem_comp.id
_chem_comp.type
_chem_comp.name
_chem_comp.formula
ACE non-polymer 'ACETYL GROUP' 'C2 H4 O'
#
# COMPACT_ATOMS: atom_id res chain seq x y z
N ASP A 1 18.25 19.01 -2.34
CA ASP A 1 17.42 17.98 -2.95
C ASP A 1 16.52 18.58 -4.03
N ILE A 2 16.01 17.72 -4.89
CA ILE A 2 15.10 18.10 -5.96
C ILE A 2 13.74 17.52 -5.60
N GLN A 3 12.71 18.35 -5.55
CA GLN A 3 11.38 17.82 -5.30
C GLN A 3 10.66 17.61 -6.61
N MET A 4 9.85 16.56 -6.65
CA MET A 4 9.05 16.20 -7.80
C MET A 4 7.59 16.38 -7.41
N THR A 5 6.87 17.22 -8.13
CA THR A 5 5.51 17.60 -7.79
C THR A 5 4.56 16.99 -8.82
N GLN A 6 3.75 16.03 -8.37
CA GLN A 6 2.86 15.29 -9.25
C GLN A 6 1.43 15.79 -9.13
N SER A 7 0.72 15.81 -10.26
CA SER A 7 -0.67 16.19 -10.27
C SER A 7 -1.34 15.48 -11.43
N PRO A 8 -2.67 15.26 -11.35
CA PRO A 8 -3.46 15.51 -10.13
C PRO A 8 -3.12 14.45 -9.09
N ILE A 9 -3.75 14.49 -7.93
CA ILE A 9 -3.57 13.42 -6.94
CA ILE A 9 -3.53 13.40 -6.99
C ILE A 9 -4.46 12.23 -7.30
N LEU A 10 -5.60 12.48 -7.91
CA LEU A 10 -6.52 11.44 -8.32
C LEU A 10 -7.06 11.80 -9.70
N LEU A 11 -7.09 10.82 -10.60
CA LEU A 11 -7.69 11.02 -11.92
C LEU A 11 -8.55 9.80 -12.21
N SER A 12 -9.79 10.04 -12.63
CA SER A 12 -10.77 8.99 -12.86
C SER A 12 -11.28 9.10 -14.28
N ALA A 13 -11.16 8.01 -15.05
CA ALA A 13 -11.48 8.04 -16.48
C ALA A 13 -12.10 6.71 -16.91
N SER A 14 -12.81 6.77 -18.04
CA SER A 14 -13.45 5.59 -18.60
C SER A 14 -12.47 4.75 -19.41
N VAL A 15 -12.79 3.46 -19.51
CA VAL A 15 -12.03 2.54 -20.35
C VAL A 15 -12.00 3.05 -21.78
N GLY A 16 -10.81 3.06 -22.38
CA GLY A 16 -10.64 3.58 -23.71
C GLY A 16 -10.24 5.04 -23.79
N ASP A 17 -10.35 5.77 -22.68
CA ASP A 17 -9.97 7.17 -22.66
C ASP A 17 -8.46 7.36 -22.70
N ARG A 18 -8.07 8.59 -23.00
CA ARG A 18 -6.69 9.05 -22.97
C ARG A 18 -6.51 9.85 -21.69
N VAL A 19 -5.56 9.43 -20.84
CA VAL A 19 -5.31 10.12 -19.58
C VAL A 19 -3.88 10.64 -19.57
N THR A 20 -3.70 11.78 -18.92
CA THR A 20 -2.42 12.47 -18.84
C THR A 20 -2.19 12.83 -17.38
N ILE A 21 -1.01 12.46 -16.86
CA ILE A 21 -0.63 12.84 -15.52
C ILE A 21 0.74 13.50 -15.60
N THR A 22 1.03 14.37 -14.64
CA THR A 22 2.16 15.28 -14.79
C THR A 22 3.02 15.29 -13.54
N CYS A 23 4.25 15.75 -13.75
CA CYS A 23 5.28 15.71 -12.73
C CYS A 23 6.25 16.83 -13.01
N ARG A 24 6.45 17.70 -12.03
CA ARG A 24 7.23 18.91 -12.17
C ARG A 24 8.45 18.80 -11.26
N ALA A 25 9.64 18.95 -11.83
CA ALA A 25 10.88 18.94 -11.07
C ALA A 25 11.20 20.35 -10.60
N SER A 26 11.67 20.46 -9.35
CA SER A 26 11.91 21.79 -8.78
C SER A 26 13.11 22.49 -9.41
N GLN A 27 13.91 21.77 -10.19
CA GLN A 27 15.00 22.37 -10.95
C GLN A 27 15.35 21.40 -12.07
N ASP A 28 16.22 21.84 -12.97
CA ASP A 28 16.60 21.07 -14.14
C ASP A 28 17.04 19.67 -13.74
N VAL A 29 16.38 18.66 -14.30
CA VAL A 29 16.79 17.27 -14.15
C VAL A 29 17.14 16.64 -15.49
N ASN A 30 17.28 17.45 -16.54
CA ASN A 30 17.54 16.97 -17.90
C ASN A 30 16.42 15.99 -18.25
N THR A 31 16.70 14.83 -18.83
CA THR A 31 15.68 13.81 -19.09
C THR A 31 15.69 12.70 -18.06
N ALA A 32 16.37 12.88 -16.92
CA ALA A 32 16.63 11.76 -16.02
C ALA A 32 15.42 11.49 -15.12
N VAL A 33 14.31 11.14 -15.75
CA VAL A 33 13.05 10.92 -15.04
C VAL A 33 12.42 9.61 -15.50
N ALA A 34 12.04 8.78 -14.53
CA ALA A 34 11.39 7.51 -14.77
C ALA A 34 10.00 7.53 -14.17
N TRP A 35 9.13 6.67 -14.71
CA TRP A 35 7.74 6.54 -14.27
C TRP A 35 7.49 5.10 -13.87
N TYR A 36 6.93 4.91 -12.67
CA TYR A 36 6.60 3.59 -12.16
C TYR A 36 5.10 3.45 -11.96
N GLN A 37 4.61 2.23 -12.15
CA GLN A 37 3.24 1.84 -11.83
C GLN A 37 3.26 0.98 -10.57
N GLN A 38 2.34 1.24 -9.65
CA GLN A 38 2.21 0.39 -8.47
C GLN A 38 0.77 -0.05 -8.32
N ARG A 39 0.54 -1.35 -8.45
CA ARG A 39 -0.79 -1.93 -8.28
CA ARG A 39 -0.77 -1.95 -8.29
C ARG A 39 -0.85 -2.65 -6.94
N THR A 40 -2.08 -2.99 -6.56
CA THR A 40 -2.35 -3.46 -5.20
C THR A 40 -1.48 -4.63 -4.80
N ASN A 41 -0.82 -4.48 -3.65
CA ASN A 41 0.08 -5.47 -3.08
C ASN A 41 1.30 -5.73 -3.97
N GLY A 42 1.56 -4.89 -4.96
CA GLY A 42 2.76 -5.07 -5.75
C GLY A 42 3.85 -4.07 -5.45
N SER A 43 5.07 -4.37 -5.91
CA SER A 43 6.14 -3.41 -5.89
C SER A 43 6.07 -2.53 -7.14
N PRO A 44 6.68 -1.34 -7.12
CA PRO A 44 6.64 -0.48 -8.30
C PRO A 44 7.27 -1.15 -9.51
N ARG A 45 6.66 -0.91 -10.67
CA ARG A 45 7.07 -1.49 -11.94
C ARG A 45 7.44 -0.37 -12.89
N LEU A 46 8.61 -0.50 -13.51
CA LEU A 46 9.12 0.52 -14.40
C LEU A 46 8.32 0.55 -15.69
N LEU A 47 7.80 1.74 -16.04
CA LEU A 47 7.10 1.96 -17.29
C LEU A 47 7.92 2.74 -18.29
N ILE A 48 8.45 3.88 -17.88
CA ILE A 48 9.14 4.82 -18.75
CA ILE A 48 9.15 4.81 -18.76
C ILE A 48 10.42 5.26 -18.05
N TYR A 49 11.53 5.29 -18.79
CA TYR A 49 12.78 5.76 -18.25
C TYR A 49 13.33 6.85 -19.16
N SER A 50 14.21 7.69 -18.60
CA SER A 50 14.80 8.79 -19.34
C SER A 50 13.73 9.61 -20.06
N ALA A 51 12.60 9.82 -19.36
CA ALA A 51 11.52 10.72 -19.70
C ALA A 51 10.56 10.18 -20.77
N SER A 52 11.08 9.54 -21.82
CA SER A 52 10.22 9.23 -22.96
C SER A 52 10.35 7.82 -23.53
N PHE A 53 11.13 6.94 -22.91
CA PHE A 53 11.46 5.65 -23.49
C PHE A 53 10.73 4.51 -22.79
N LEU A 54 10.11 3.66 -23.60
CA LEU A 54 9.24 2.60 -23.10
C LEU A 54 10.09 1.45 -22.59
N TYR A 55 9.94 1.10 -21.32
CA TYR A 55 10.65 -0.07 -20.85
C TYR A 55 10.13 -1.31 -21.57
N SER A 56 10.99 -2.31 -21.68
CA SER A 56 10.64 -3.53 -22.40
C SER A 56 9.45 -4.22 -21.76
N GLY A 57 8.55 -4.72 -22.61
CA GLY A 57 7.37 -5.40 -22.16
C GLY A 57 6.20 -4.50 -21.79
N VAL A 58 6.42 -3.20 -21.67
CA VAL A 58 5.35 -2.28 -21.27
C VAL A 58 4.48 -1.96 -22.48
N PRO A 59 3.15 -1.96 -22.35
CA PRO A 59 2.29 -1.75 -23.52
C PRO A 59 2.55 -0.40 -24.18
N SER A 60 2.42 -0.36 -25.50
CA SER A 60 2.70 0.87 -26.23
C SER A 60 1.67 1.96 -25.98
N ARG A 61 0.58 1.67 -25.26
CA ARG A 61 -0.33 2.76 -24.91
C ARG A 61 0.25 3.70 -23.86
N PHE A 62 1.33 3.32 -23.21
CA PHE A 62 2.06 4.21 -22.31
C PHE A 62 3.09 5.04 -23.08
N SER A 63 3.13 6.35 -22.81
CA SER A 63 4.12 7.22 -23.41
C SER A 63 4.44 8.37 -22.45
N GLY A 64 5.64 8.92 -22.56
CA GLY A 64 6.05 10.01 -21.70
C GLY A 64 6.77 11.07 -22.51
N SER A 65 6.77 12.30 -21.97
CA SER A 65 7.43 13.41 -22.65
C SER A 65 7.94 14.42 -21.63
N ARG A 66 8.80 15.31 -22.11
CA ARG A 66 9.46 16.30 -21.29
C ARG A 66 9.37 17.67 -21.95
N SER A 67 9.06 18.69 -21.15
CA SER A 67 9.15 20.07 -21.59
C SER A 67 9.78 20.84 -20.45
N GLY A 68 11.06 21.22 -20.62
CA GLY A 68 11.82 21.83 -19.55
C GLY A 68 11.82 20.97 -18.30
N THR A 69 11.15 21.43 -17.25
CA THR A 69 11.05 20.68 -16.00
C THR A 69 9.68 20.01 -15.84
N ASP A 70 8.81 20.09 -16.85
CA ASP A 70 7.50 19.45 -16.81
C ASP A 70 7.56 18.10 -17.52
N PHE A 71 7.16 17.06 -16.80
CA PHE A 71 7.14 15.71 -17.33
C PHE A 71 5.73 15.18 -17.30
N THR A 72 5.31 14.54 -18.40
CA THR A 72 3.97 14.00 -18.52
C THR A 72 4.02 12.51 -18.80
N LEU A 73 3.09 11.77 -18.21
CA LEU A 73 2.84 10.38 -18.56
C LEU A 73 1.46 10.30 -19.18
N THR A 74 1.36 9.67 -20.34
CA THR A 74 0.09 9.55 -21.05
C THR A 74 -0.24 8.07 -21.24
N ILE A 75 -1.48 7.71 -20.95
CA ILE A 75 -2.05 6.42 -21.28
C ILE A 75 -3.10 6.67 -22.35
N SER A 76 -2.85 6.19 -23.56
CA SER A 76 -3.69 6.61 -24.68
C SER A 76 -5.01 5.87 -24.77
N SER A 77 -5.16 4.73 -24.07
CA SER A 77 -6.39 3.94 -24.21
C SER A 77 -6.55 3.13 -22.91
N LEU A 78 -7.05 3.80 -21.87
CA LEU A 78 -7.05 3.27 -20.51
C LEU A 78 -7.69 1.89 -20.42
N GLN A 79 -7.00 0.98 -19.76
CA GLN A 79 -7.53 -0.36 -19.59
C GLN A 79 -7.89 -0.57 -18.14
N PRO A 80 -8.83 -1.47 -17.86
CA PRO A 80 -9.17 -1.74 -16.45
C PRO A 80 -7.95 -2.08 -15.61
N GLU A 81 -7.00 -2.82 -16.18
CA GLU A 81 -5.82 -3.23 -15.42
C GLU A 81 -4.82 -2.10 -15.22
N ASP A 82 -5.08 -0.91 -15.76
CA ASP A 82 -4.21 0.23 -15.51
C ASP A 82 -4.57 0.96 -14.22
N GLU A 83 -5.69 0.60 -13.60
CA GLU A 83 -6.03 1.00 -12.26
C GLU A 83 -4.80 0.82 -11.36
N ALA A 84 -4.22 1.90 -10.84
CA ALA A 84 -2.92 1.83 -10.15
C ALA A 84 -2.54 3.21 -9.65
N ASP A 85 -1.47 3.24 -8.84
CA ASP A 85 -0.78 4.47 -8.49
C ASP A 85 0.45 4.64 -9.38
N TYR A 86 0.69 5.87 -9.84
CA TYR A 86 1.81 6.17 -10.73
C TYR A 86 2.73 7.16 -10.05
N TYR A 87 4.04 6.91 -10.16
CA TYR A 87 5.06 7.74 -9.53
C TYR A 87 6.14 8.12 -10.52
N CYS A 88 6.54 9.38 -10.52
CA CYS A 88 7.74 9.79 -11.24
C CYS A 88 8.93 9.86 -10.29
N GLN A 89 10.13 9.78 -10.85
CA GLN A 89 11.34 9.76 -10.05
C GLN A 89 12.47 10.36 -10.85
N GLN A 90 13.22 11.28 -10.23
CA GLN A 90 14.40 11.84 -10.85
C GLN A 90 15.64 11.16 -10.29
N HIS A 91 16.63 10.93 -11.15
CA HIS A 91 17.91 10.39 -10.75
C HIS A 91 19.07 11.30 -11.16
N TYR A 92 18.79 12.59 -11.39
CA TYR A 92 19.81 13.51 -11.85
C TYR A 92 20.76 13.92 -10.73
N THR A 93 20.26 14.06 -9.50
CA THR A 93 21.10 14.36 -8.34
C THR A 93 20.74 13.37 -7.24
N THR A 94 21.73 13.04 -6.45
CA THR A 94 21.52 12.29 -5.22
C THR A 94 21.04 13.25 -4.13
N PRO A 95 20.00 12.89 -3.37
CA PRO A 95 19.22 11.65 -3.46
C PRO A 95 18.22 11.63 -4.60
N PRO A 96 18.09 10.47 -5.25
CA PRO A 96 16.95 10.28 -6.17
C PRO A 96 15.67 10.48 -5.40
N THR A 97 14.74 11.20 -5.99
CA THR A 97 13.50 11.52 -5.30
C THR A 97 12.30 11.16 -6.16
N PHE A 98 11.21 10.86 -5.47
CA PHE A 98 9.96 10.41 -6.07
C PHE A 98 8.89 11.48 -5.91
N GLY A 99 8.00 11.55 -6.89
CA GLY A 99 6.77 12.29 -6.71
C GLY A 99 5.89 11.60 -5.69
N ALA A 100 4.89 12.35 -5.20
CA ALA A 100 3.99 11.81 -4.18
C ALA A 100 2.97 10.83 -4.74
N GLY A 101 2.82 10.74 -6.05
CA GLY A 101 1.95 9.75 -6.64
C GLY A 101 0.65 10.32 -7.19
N THR A 102 0.20 9.75 -8.30
CA THR A 102 -1.11 9.98 -8.84
C THR A 102 -1.87 8.66 -8.91
N LYS A 103 -3.07 8.64 -8.34
CA LYS A 103 -3.93 7.46 -8.37
C LYS A 103 -4.89 7.56 -9.54
N VAL A 104 -4.92 6.52 -10.38
CA VAL A 104 -5.76 6.46 -11.56
C VAL A 104 -6.87 5.45 -11.30
N GLU A 105 -8.12 5.88 -11.41
CA GLU A 105 -9.27 5.03 -11.17
C GLU A 105 -10.10 4.92 -12.43
N ILE A 106 -10.76 3.78 -12.60
CA ILE A 106 -11.59 3.51 -13.77
C ILE A 106 -13.02 3.93 -13.47
N LYS A 107 -13.61 4.69 -14.40
CA LYS A 107 -15.03 5.00 -14.41
C LYS A 107 -15.80 3.90 -15.14
N ARG A 108 -16.91 3.47 -14.56
CA ARG A 108 -17.78 2.48 -15.19
C ARG A 108 -19.22 2.78 -14.77
N THR A 109 -20.16 2.02 -15.34
CA THR A 109 -21.57 2.20 -14.99
C THR A 109 -21.82 1.84 -13.53
N VAL A 110 -22.88 2.42 -12.98
CA VAL A 110 -23.27 2.15 -11.61
C VAL A 110 -23.70 0.70 -11.47
N ALA A 111 -23.36 0.10 -10.33
CA ALA A 111 -23.80 -1.25 -9.98
C ALA A 111 -24.11 -1.28 -8.50
N ALA A 112 -25.33 -1.68 -8.13
CA ALA A 112 -25.68 -1.75 -6.73
C ALA A 112 -24.97 -2.92 -6.07
N PRO A 113 -24.69 -2.83 -4.77
CA PRO A 113 -24.03 -3.95 -4.07
C PRO A 113 -24.95 -5.11 -3.75
N SER A 114 -24.38 -6.31 -3.75
CA SER A 114 -24.96 -7.42 -3.03
C SER A 114 -24.68 -7.23 -1.55
N VAL A 115 -25.71 -7.31 -0.70
CA VAL A 115 -25.57 -7.01 0.72
C VAL A 115 -25.77 -8.29 1.53
N PHE A 116 -24.77 -8.68 2.31
CA PHE A 116 -24.88 -9.87 3.15
C PHE A 116 -24.45 -9.53 4.57
N ILE A 117 -24.88 -10.37 5.51
CA ILE A 117 -24.60 -10.15 6.92
C ILE A 117 -24.24 -11.49 7.57
N PHE A 118 -23.31 -11.44 8.51
CA PHE A 118 -22.76 -12.63 9.16
C PHE A 118 -22.81 -12.43 10.67
N PRO A 119 -23.57 -13.22 11.40
CA PRO A 119 -23.51 -13.18 12.87
C PRO A 119 -22.12 -13.54 13.35
N PRO A 120 -21.82 -13.29 14.63
CA PRO A 120 -20.58 -13.83 15.20
C PRO A 120 -20.57 -15.33 15.10
N SER A 121 -19.39 -15.90 14.92
CA SER A 121 -19.31 -17.34 14.89
C SER A 121 -19.49 -17.90 16.29
N ASP A 122 -20.03 -19.12 16.36
CA ASP A 122 -20.10 -19.83 17.63
C ASP A 122 -18.71 -19.98 18.25
N GLU A 123 -17.68 -20.16 17.42
CA GLU A 123 -16.32 -20.25 17.94
C GLU A 123 -15.93 -18.98 18.67
N GLN A 124 -16.16 -17.81 18.05
CA GLN A 124 -15.80 -16.54 18.68
C GLN A 124 -16.62 -16.32 19.94
N LEU A 125 -17.91 -16.65 19.89
CA LEU A 125 -18.74 -16.48 21.07
C LEU A 125 -18.26 -17.31 22.26
N LYS A 126 -17.37 -18.29 22.04
CA LYS A 126 -16.83 -19.04 23.19
CA LYS A 126 -16.81 -19.05 23.17
C LYS A 126 -16.05 -18.13 24.12
N SER A 127 -15.24 -17.22 23.56
CA SER A 127 -14.58 -16.21 24.36
C SER A 127 -15.47 -14.96 24.41
N GLY A 128 -14.92 -13.81 24.79
CA GLY A 128 -15.80 -12.74 25.23
C GLY A 128 -16.13 -11.63 24.26
N THR A 129 -15.88 -11.83 22.97
CA THR A 129 -16.08 -10.77 22.00
C THR A 129 -16.95 -11.25 20.86
N ALA A 130 -17.71 -10.33 20.28
CA ALA A 130 -18.61 -10.62 19.18
C ALA A 130 -18.32 -9.67 18.02
N SER A 131 -18.09 -10.23 16.84
CA SER A 131 -17.85 -9.47 15.63
C SER A 131 -18.99 -9.76 14.64
N VAL A 132 -19.75 -8.73 14.28
CA VAL A 132 -20.82 -8.83 13.28
C VAL A 132 -20.33 -8.21 11.99
N VAL A 133 -20.42 -8.94 10.88
CA VAL A 133 -19.80 -8.51 9.64
C VAL A 133 -20.88 -8.25 8.60
N CYS A 134 -20.81 -7.07 7.99
CA CYS A 134 -21.67 -6.68 6.88
C CYS A 134 -20.84 -6.58 5.62
N LEU A 135 -21.32 -7.19 4.53
CA LEU A 135 -20.57 -7.31 3.29
C LEU A 135 -21.36 -6.67 2.15
N LEU A 136 -20.73 -5.72 1.46
CA LEU A 136 -21.22 -5.11 0.23
C LEU A 136 -20.32 -5.61 -0.90
N ASN A 137 -20.86 -6.42 -1.80
CA ASN A 137 -20.04 -7.05 -2.82
C ASN A 137 -20.25 -6.41 -4.18
N ASN A 138 -19.13 -6.08 -4.85
CA ASN A 138 -19.05 -5.81 -6.29
C ASN A 138 -19.97 -4.66 -6.73
N PHE A 139 -19.69 -3.47 -6.20
CA PHE A 139 -20.46 -2.27 -6.49
C PHE A 139 -19.57 -1.17 -7.07
N TYR A 140 -20.22 -0.20 -7.69
CA TYR A 140 -19.60 0.99 -8.23
C TYR A 140 -20.67 2.09 -8.24
N PRO A 141 -20.33 3.34 -7.87
CA PRO A 141 -19.03 3.85 -7.44
C PRO A 141 -18.68 3.49 -6.01
N ARG A 142 -17.52 3.97 -5.56
CA ARG A 142 -16.97 3.59 -4.27
CA ARG A 142 -16.98 3.58 -4.26
C ARG A 142 -17.83 4.09 -3.11
N GLU A 143 -18.47 5.25 -3.27
CA GLU A 143 -19.16 5.87 -2.15
CA GLU A 143 -19.17 5.87 -2.16
C GLU A 143 -20.34 5.02 -1.69
N ALA A 144 -20.44 4.81 -0.39
CA ALA A 144 -21.51 4.03 0.20
C ALA A 144 -21.58 4.38 1.67
N LYS A 145 -22.76 4.20 2.25
CA LYS A 145 -22.97 4.48 3.66
C LYS A 145 -23.56 3.24 4.30
N VAL A 146 -22.82 2.67 5.25
CA VAL A 146 -23.25 1.53 6.05
C VAL A 146 -23.52 2.01 7.46
N GLN A 147 -24.73 1.76 7.97
CA GLN A 147 -25.07 2.10 9.34
C GLN A 147 -25.53 0.85 10.07
N TRP A 148 -25.07 0.72 11.31
CA TRP A 148 -25.44 -0.41 12.15
C TRP A 148 -26.57 0.01 13.08
N LYS A 149 -27.59 -0.84 13.18
CA LYS A 149 -28.61 -0.67 14.21
C LYS A 149 -28.70 -1.96 15.02
N VAL A 150 -28.77 -1.79 16.34
CA VAL A 150 -28.92 -2.90 17.29
C VAL A 150 -30.20 -2.64 18.07
N ASP A 151 -31.18 -3.53 17.91
CA ASP A 151 -32.53 -3.31 18.42
C ASP A 151 -33.04 -1.91 18.03
N ASN A 152 -32.78 -1.53 16.78
CA ASN A 152 -33.22 -0.28 16.15
C ASN A 152 -32.50 0.96 16.68
N ALA A 153 -31.45 0.81 17.49
CA ALA A 153 -30.69 1.94 18.00
C ALA A 153 -29.44 2.12 17.15
N LEU A 154 -29.30 3.32 16.57
CA LEU A 154 -28.17 3.60 15.70
C LEU A 154 -26.85 3.47 16.46
N GLN A 155 -25.98 2.60 15.98
CA GLN A 155 -24.68 2.37 16.57
C GLN A 155 -23.70 3.45 16.10
N SER A 156 -22.70 3.70 16.94
CA SER A 156 -21.74 4.74 16.63
C SER A 156 -20.47 4.47 17.41
N GLY A 157 -19.32 4.56 16.72
CA GLY A 157 -18.02 4.44 17.35
C GLY A 157 -17.50 3.02 17.51
N ASN A 158 -18.31 2.00 17.21
CA ASN A 158 -17.95 0.60 17.44
C ASN A 158 -17.94 -0.23 16.16
N SER A 159 -17.77 0.40 15.00
CA SER A 159 -17.66 -0.32 13.74
C SER A 159 -16.47 0.21 12.95
N GLN A 160 -15.90 -0.66 12.12
CA GLN A 160 -14.83 -0.26 11.24
C GLN A 160 -15.07 -0.84 9.86
N GLU A 161 -14.70 -0.08 8.83
CA GLU A 161 -14.89 -0.45 7.43
C GLU A 161 -13.55 -0.73 6.78
N SER A 162 -13.60 -1.62 5.80
CA SER A 162 -12.47 -1.87 4.92
C SER A 162 -12.99 -2.01 3.49
N VAL A 163 -12.25 -1.48 2.52
CA VAL A 163 -12.69 -1.46 1.13
C VAL A 163 -11.59 -2.03 0.24
N THR A 164 -11.93 -2.98 -0.62
CA THR A 164 -10.94 -3.51 -1.53
C THR A 164 -10.65 -2.49 -2.62
N GLU A 165 -9.49 -2.64 -3.25
CA GLU A 165 -9.21 -1.78 -4.37
CA GLU A 165 -9.16 -1.83 -4.39
C GLU A 165 -9.99 -2.26 -5.59
N GLN A 166 -10.14 -1.33 -6.55
CA GLN A 166 -10.94 -1.58 -7.75
C GLN A 166 -10.55 -2.88 -8.44
N ASP A 167 -11.55 -3.70 -8.76
CA ASP A 167 -11.27 -4.99 -9.36
C ASP A 167 -10.64 -4.82 -10.74
N SER A 168 -9.57 -5.58 -10.99
CA SER A 168 -8.80 -5.37 -12.22
C SER A 168 -9.54 -5.82 -13.48
N LYS A 169 -10.67 -6.51 -13.34
CA LYS A 169 -11.49 -6.91 -14.49
C LYS A 169 -12.77 -6.11 -14.61
N ASP A 170 -13.62 -6.10 -13.58
CA ASP A 170 -14.93 -5.45 -13.67
C ASP A 170 -14.96 -4.08 -13.02
N SER A 171 -13.85 -3.64 -12.43
CA SER A 171 -13.68 -2.30 -11.90
C SER A 171 -14.63 -1.98 -10.75
N THR A 172 -15.14 -2.99 -10.06
CA THR A 172 -16.01 -2.75 -8.92
C THR A 172 -15.23 -2.78 -7.62
N TYR A 173 -15.91 -2.36 -6.56
CA TYR A 173 -15.39 -2.40 -5.20
C TYR A 173 -16.19 -3.38 -4.38
N SER A 174 -15.60 -3.80 -3.27
CA SER A 174 -16.34 -4.48 -2.24
C SER A 174 -15.98 -3.87 -0.90
N LEU A 175 -16.89 -3.95 0.05
CA LEU A 175 -16.72 -3.29 1.32
C LEU A 175 -17.18 -4.20 2.44
N SER A 176 -16.41 -4.26 3.51
CA SER A 176 -16.84 -4.94 4.72
C SER A 176 -16.92 -3.93 5.86
N SER A 177 -18.01 -4.01 6.63
CA SER A 177 -18.14 -3.25 7.88
C SER A 177 -18.27 -4.25 9.02
N THR A 178 -17.44 -4.08 10.04
CA THR A 178 -17.42 -4.98 11.19
C THR A 178 -17.84 -4.20 12.43
N LEU A 179 -18.91 -4.68 13.06
CA LEU A 179 -19.40 -4.15 14.33
C LEU A 179 -18.85 -5.04 15.44
N THR A 180 -18.20 -4.42 16.42
CA THR A 180 -17.55 -5.14 17.51
C THR A 180 -18.25 -4.80 18.81
N LEU A 181 -18.74 -5.85 19.50
CA LEU A 181 -19.40 -5.74 20.79
C LEU A 181 -18.71 -6.65 21.79
N SER A 182 -19.02 -6.46 23.06
CA SER A 182 -18.73 -7.52 24.02
C SER A 182 -19.74 -8.64 23.83
N LYS A 183 -19.33 -9.87 24.17
CA LYS A 183 -20.26 -10.98 24.12
C LYS A 183 -21.48 -10.70 24.98
N ALA A 184 -21.26 -10.19 26.19
CA ALA A 184 -22.35 -9.87 27.10
C ALA A 184 -23.35 -8.92 26.43
N ASP A 185 -22.86 -7.89 25.76
CA ASP A 185 -23.75 -6.99 25.03
C ASP A 185 -24.49 -7.71 23.93
N TYR A 186 -23.75 -8.49 23.13
CA TYR A 186 -24.37 -9.20 22.02
C TYR A 186 -25.48 -10.13 22.48
N GLU A 187 -25.28 -10.83 23.59
CA GLU A 187 -26.35 -11.69 24.09
C GLU A 187 -27.48 -10.90 24.74
N LYS A 188 -27.30 -9.59 24.97
CA LYS A 188 -28.31 -8.77 25.61
C LYS A 188 -29.38 -8.26 24.64
N HIS A 189 -29.04 -8.13 23.36
CA HIS A 189 -29.89 -7.55 22.34
C HIS A 189 -30.30 -8.61 21.32
N LYS A 190 -31.28 -8.28 20.49
CA LYS A 190 -31.88 -9.27 19.61
C LYS A 190 -31.66 -8.99 18.14
N VAL A 191 -31.90 -7.77 17.67
CA VAL A 191 -31.97 -7.49 16.23
C VAL A 191 -30.70 -6.76 15.81
N TYR A 192 -29.98 -7.33 14.85
CA TYR A 192 -28.73 -6.79 14.34
C TYR A 192 -28.93 -6.47 12.86
N ALA A 193 -28.81 -5.18 12.52
CA ALA A 193 -29.17 -4.70 11.21
C ALA A 193 -28.07 -3.82 10.64
N CYS A 194 -27.68 -4.12 9.41
N CYS A 194 -27.67 -4.11 9.42
CA CYS A 194 -26.77 -3.32 8.59
CA CYS A 194 -26.80 -3.24 8.66
C CYS A 194 -27.61 -2.60 7.52
C CYS A 194 -27.64 -2.58 7.58
N GLU A 195 -27.50 -1.27 7.44
CA GLU A 195 -28.28 -0.51 6.47
C GLU A 195 -27.34 0.15 5.48
N VAL A 196 -27.58 -0.12 4.20
CA VAL A 196 -26.68 0.25 3.13
C VAL A 196 -27.36 1.28 2.25
N THR A 197 -26.73 2.43 2.09
CA THR A 197 -27.14 3.45 1.14
C THR A 197 -26.13 3.50 0.02
N HIS A 198 -26.60 3.43 -1.22
CA HIS A 198 -25.75 3.45 -2.38
C HIS A 198 -26.52 3.95 -3.59
N GLN A 199 -25.81 4.69 -4.44
CA GLN A 199 -26.41 5.31 -5.61
C GLN A 199 -27.11 4.28 -6.49
N GLY A 200 -26.59 3.04 -6.56
CA GLY A 200 -27.26 2.05 -7.39
C GLY A 200 -28.57 1.50 -6.84
N LEU A 201 -28.90 1.83 -5.59
CA LEU A 201 -30.09 1.33 -4.94
C LEU A 201 -31.21 2.37 -4.98
N SER A 202 -32.44 1.95 -5.31
CA SER A 202 -33.53 2.91 -5.36
C SER A 202 -33.86 3.45 -3.97
N SER A 203 -33.61 2.67 -2.92
CA SER A 203 -33.69 3.20 -1.56
C SER A 203 -32.81 2.33 -0.66
N PRO A 204 -32.46 2.81 0.54
CA PRO A 204 -31.50 2.08 1.37
C PRO A 204 -31.94 0.65 1.63
N VAL A 205 -30.97 -0.26 1.68
CA VAL A 205 -31.24 -1.67 1.93
C VAL A 205 -30.81 -2.02 3.35
N THR A 206 -31.74 -2.59 4.12
CA THR A 206 -31.42 -3.14 5.43
C THR A 206 -31.31 -4.65 5.32
N LYS A 207 -30.21 -5.19 5.82
CA LYS A 207 -30.00 -6.63 5.96
C LYS A 207 -29.81 -6.93 7.43
N SER A 208 -30.55 -7.91 7.95
CA SER A 208 -30.54 -8.10 9.39
C SER A 208 -30.78 -9.57 9.74
N PHE A 209 -30.50 -9.89 11.00
CA PHE A 209 -30.85 -11.17 11.60
C PHE A 209 -31.23 -10.94 13.05
N ASN A 210 -31.98 -11.90 13.60
CA ASN A 210 -32.25 -11.97 15.01
C ASN A 210 -31.23 -12.93 15.63
N ARG A 211 -30.57 -12.50 16.70
CA ARG A 211 -29.61 -13.37 17.36
C ARG A 211 -30.28 -14.68 17.73
N GLY A 212 -29.66 -15.80 17.35
CA GLY A 212 -30.17 -17.11 17.69
C GLY A 212 -30.98 -17.79 16.61
N GLU A 213 -31.34 -17.09 15.55
CA GLU A 213 -32.09 -17.74 14.50
C GLU A 213 -31.14 -18.54 13.61
N CYS A 214 -31.71 -19.57 12.97
CA CYS A 214 -30.93 -20.49 12.15
C CYS A 214 -30.68 -19.94 10.75
N GLU B 1 15.62 -15.16 -15.75
CA GLU B 1 14.85 -13.99 -15.32
C GLU B 1 15.56 -13.26 -14.18
N VAL B 2 15.47 -11.95 -14.19
CA VAL B 2 16.05 -11.16 -13.11
C VAL B 2 15.12 -11.22 -11.91
N GLN B 3 15.69 -11.37 -10.72
CA GLN B 3 14.88 -11.42 -9.52
C GLN B 3 15.65 -10.86 -8.33
N LEU B 4 14.96 -10.09 -7.51
CA LEU B 4 15.44 -9.60 -6.22
C LEU B 4 14.45 -10.03 -5.16
N VAL B 5 14.95 -10.50 -4.03
CA VAL B 5 14.10 -11.00 -2.96
C VAL B 5 14.61 -10.44 -1.64
N GLU B 6 13.84 -9.54 -1.02
CA GLU B 6 14.18 -9.05 0.29
C GLU B 6 13.75 -10.05 1.36
N SER B 7 14.49 -10.05 2.46
CA SER B 7 14.07 -10.78 3.65
C SER B 7 14.64 -10.07 4.87
N GLY B 8 14.14 -10.43 6.04
CA GLY B 8 14.66 -9.94 7.28
C GLY B 8 13.83 -8.89 7.97
N GLY B 9 12.78 -8.36 7.33
CA GLY B 9 11.94 -7.39 7.98
C GLY B 9 11.09 -8.02 9.08
N GLY B 10 10.77 -7.22 10.08
CA GLY B 10 9.90 -7.69 11.16
C GLY B 10 9.68 -6.62 12.21
N LEU B 11 9.12 -7.04 13.34
CA LEU B 11 8.89 -6.15 14.46
C LEU B 11 10.19 -5.90 15.20
N VAL B 12 10.52 -4.64 15.44
CA VAL B 12 11.72 -4.25 16.18
C VAL B 12 11.35 -3.10 17.11
N GLN B 13 11.89 -3.13 18.33
CA GLN B 13 11.59 -2.07 19.29
C GLN B 13 12.30 -0.79 18.90
N PRO B 14 11.77 0.36 19.33
CA PRO B 14 12.51 1.62 19.17
C PRO B 14 13.88 1.52 19.83
N GLY B 15 14.89 2.03 19.13
CA GLY B 15 16.26 1.89 19.58
C GLY B 15 16.94 0.61 19.16
N GLY B 16 16.20 -0.36 18.60
CA GLY B 16 16.74 -1.65 18.27
C GLY B 16 17.35 -1.73 16.88
N SER B 17 17.80 -2.94 16.56
CA SER B 17 18.54 -3.18 15.34
C SER B 17 17.90 -4.32 14.55
N LEU B 18 18.08 -4.25 13.24
CA LEU B 18 17.53 -5.23 12.33
C LEU B 18 18.44 -5.26 11.11
N ARG B 19 18.54 -6.42 10.47
CA ARG B 19 19.36 -6.55 9.26
C ARG B 19 18.52 -7.16 8.16
N LEU B 20 18.43 -6.46 7.05
CA LEU B 20 17.72 -6.97 5.88
C LEU B 20 18.72 -7.50 4.87
N SER B 21 18.29 -8.51 4.12
CA SER B 21 19.04 -9.05 2.99
C SER B 21 18.27 -8.81 1.71
N CYS B 22 19.00 -8.77 0.60
CA CYS B 22 18.43 -8.61 -0.74
C CYS B 22 19.17 -9.60 -1.62
N ALA B 23 18.54 -10.72 -1.92
CA ALA B 23 19.19 -11.81 -2.64
C ALA B 23 18.85 -11.67 -4.13
N ALA B 24 19.89 -11.63 -4.96
CA ALA B 24 19.71 -11.37 -6.38
C ALA B 24 20.02 -12.62 -7.20
N SER B 25 19.28 -12.78 -8.29
CA SER B 25 19.49 -13.91 -9.18
C SER B 25 19.11 -13.50 -10.60
N GLY B 26 19.69 -14.19 -11.59
CA GLY B 26 19.46 -13.85 -12.97
C GLY B 26 20.30 -12.72 -13.51
N PHE B 27 21.19 -12.16 -12.68
CA PHE B 27 22.18 -11.16 -13.06
C PHE B 27 23.20 -11.12 -11.93
N ASN B 28 24.26 -10.35 -12.13
CA ASN B 28 25.33 -10.23 -11.14
CA ASN B 28 25.35 -10.22 -11.16
C ASN B 28 25.36 -8.80 -10.63
N ILE B 29 25.23 -8.64 -9.31
CA ILE B 29 25.17 -7.30 -8.73
C ILE B 29 26.45 -6.51 -8.94
N LYS B 30 27.52 -7.15 -9.42
CA LYS B 30 28.73 -6.41 -9.77
C LYS B 30 28.53 -5.54 -11.00
N ASP B 31 27.51 -5.79 -11.79
CA ASP B 31 27.31 -5.03 -13.02
C ASP B 31 26.37 -3.85 -12.87
N THR B 32 25.77 -3.67 -11.69
CA THR B 32 24.74 -2.66 -11.49
C THR B 32 24.96 -1.95 -10.16
N TYR B 33 24.19 -0.88 -9.97
CA TYR B 33 23.95 -0.38 -8.63
C TYR B 33 22.84 -1.19 -7.99
N ILE B 34 22.89 -1.31 -6.67
CA ILE B 34 21.79 -1.83 -5.88
C ILE B 34 21.33 -0.74 -4.93
N HIS B 35 20.02 -0.53 -4.85
CA HIS B 35 19.43 0.49 -4.01
C HIS B 35 18.49 -0.15 -3.00
N TRP B 36 18.34 0.52 -1.86
CA TRP B 36 17.23 0.28 -0.94
C TRP B 36 16.30 1.48 -0.96
N VAL B 37 15.02 1.22 -1.14
CA VAL B 37 14.00 2.26 -1.19
C VAL B 37 12.88 1.82 -0.26
N ARG B 38 12.44 2.71 0.61
CA ARG B 38 11.35 2.35 1.50
C ARG B 38 10.10 3.14 1.16
N GLN B 39 8.97 2.60 1.60
CA GLN B 39 7.67 3.20 1.35
C GLN B 39 6.87 3.25 2.64
N SER B 40 6.31 4.41 2.95
CA SER B 40 5.59 4.61 4.19
C SER B 40 4.57 5.73 3.99
N PRO B 41 3.54 5.79 4.85
CA PRO B 41 2.60 6.93 4.77
C PRO B 41 3.29 8.28 4.95
N GLY B 42 4.27 8.36 5.83
CA GLY B 42 4.87 9.65 6.14
C GLY B 42 5.62 10.26 4.97
N LYS B 43 6.38 9.45 4.24
CA LYS B 43 7.27 9.98 3.21
C LYS B 43 7.03 9.38 1.83
N GLY B 44 5.98 8.57 1.65
CA GLY B 44 5.83 7.93 0.36
C GLY B 44 7.04 7.07 0.04
N LEU B 45 7.36 6.99 -1.24
CA LEU B 45 8.57 6.31 -1.70
C LEU B 45 9.76 7.19 -1.37
N GLU B 46 10.75 6.60 -0.71
CA GLU B 46 11.81 7.37 -0.07
C GLU B 46 13.11 6.59 -0.27
N TRP B 47 14.04 7.16 -1.02
CA TRP B 47 15.31 6.49 -1.25
C TRP B 47 16.08 6.42 0.07
N VAL B 48 16.71 5.27 0.33
CA VAL B 48 17.42 5.01 1.57
C VAL B 48 18.93 4.99 1.36
N ALA B 49 19.40 4.17 0.41
CA ALA B 49 20.84 4.01 0.22
C ALA B 49 21.11 3.24 -1.06
N ARG B 50 22.34 3.36 -1.55
CA ARG B 50 22.78 2.58 -2.70
C ARG B 50 24.25 2.20 -2.53
N ILE B 51 24.66 1.18 -3.27
CA ILE B 51 26.02 0.70 -3.28
C ILE B 51 26.35 0.28 -4.71
N TYR B 52 27.59 0.51 -5.13
CA TYR B 52 28.09 -0.05 -6.39
C TYR B 52 29.02 -1.20 -6.04
N PRO B 53 28.54 -2.45 -6.06
CA PRO B 53 29.35 -3.55 -5.50
C PRO B 53 30.70 -3.75 -6.16
N THR B 54 30.89 -3.30 -7.40
CA THR B 54 32.17 -3.49 -8.07
C THR B 54 33.30 -2.78 -7.34
N ASN B 55 33.03 -1.61 -6.75
CA ASN B 55 34.09 -0.85 -6.10
C ASN B 55 33.74 -0.46 -4.66
N GLY B 56 32.56 -0.80 -4.18
CA GLY B 56 32.22 -0.59 -2.79
C GLY B 56 31.67 0.79 -2.47
N TYR B 57 31.50 1.65 -3.47
CA TYR B 57 31.04 3.01 -3.21
C TYR B 57 29.58 3.00 -2.76
N THR B 58 29.30 3.74 -1.69
CA THR B 58 27.97 3.79 -1.09
C THR B 58 27.55 5.24 -0.89
N ARG B 59 26.24 5.45 -0.82
CA ARG B 59 25.66 6.75 -0.49
C ARG B 59 24.42 6.53 0.34
N TYR B 60 24.09 7.52 1.17
CA TYR B 60 22.97 7.38 2.09
C TYR B 60 22.09 8.61 2.06
N ALA B 61 20.79 8.39 2.30
CA ALA B 61 19.92 9.49 2.67
C ALA B 61 20.35 10.08 4.01
N ASP B 62 20.22 11.42 4.13
CA ASP B 62 20.63 12.13 5.34
C ASP B 62 19.92 11.61 6.59
N SER B 63 18.65 11.23 6.47
CA SER B 63 17.90 10.82 7.65
C SER B 63 18.32 9.45 8.18
N VAL B 64 19.09 8.66 7.43
CA VAL B 64 19.54 7.36 7.91
C VAL B 64 21.05 7.27 8.06
N LYS B 65 21.80 8.26 7.60
CA LYS B 65 23.25 8.20 7.67
C LYS B 65 23.71 7.93 9.10
N GLY B 66 24.62 6.97 9.27
CA GLY B 66 25.14 6.62 10.57
C GLY B 66 24.35 5.57 11.31
N ARG B 67 23.03 5.52 11.09
CA ARG B 67 22.19 4.49 11.70
C ARG B 67 22.01 3.28 10.81
N PHE B 68 22.14 3.43 9.49
CA PHE B 68 22.00 2.35 8.53
C PHE B 68 23.32 2.21 7.79
N THR B 69 23.68 0.98 7.46
CA THR B 69 24.79 0.73 6.55
C THR B 69 24.33 -0.24 5.47
N ILE B 70 24.75 0.01 4.25
CA ILE B 70 24.51 -0.89 3.13
C ILE B 70 25.82 -1.58 2.81
N SER B 71 25.72 -2.80 2.29
CA SER B 71 26.90 -3.58 1.95
C SER B 71 26.47 -4.68 1.00
N ALA B 72 27.45 -5.31 0.35
CA ALA B 72 27.15 -6.42 -0.54
C ALA B 72 28.23 -7.49 -0.44
N ASP B 73 27.79 -8.72 -0.68
CA ASP B 73 28.66 -9.89 -0.77
C ASP B 73 28.50 -10.40 -2.19
N THR B 74 29.43 -10.04 -3.07
CA THR B 74 29.30 -10.48 -4.45
C THR B 74 29.40 -11.99 -4.56
N SER B 75 30.10 -12.63 -3.63
CA SER B 75 30.19 -14.08 -3.62
CA SER B 75 30.18 -14.08 -3.63
C SER B 75 28.81 -14.72 -3.46
N LYS B 76 27.92 -14.07 -2.74
CA LYS B 76 26.55 -14.58 -2.56
C LYS B 76 25.53 -13.79 -3.37
N ASN B 77 25.98 -12.89 -4.24
CA ASN B 77 25.09 -12.05 -5.05
C ASN B 77 23.99 -11.44 -4.19
N THR B 78 24.38 -10.91 -3.03
CA THR B 78 23.44 -10.44 -2.02
C THR B 78 23.88 -9.10 -1.48
N ALA B 79 22.92 -8.23 -1.23
CA ALA B 79 23.13 -6.94 -0.58
C ALA B 79 22.42 -6.91 0.77
N TYR B 80 22.84 -5.99 1.64
CA TYR B 80 22.35 -5.97 3.00
C TYR B 80 22.11 -4.53 3.44
N LEU B 81 21.16 -4.36 4.37
CA LEU B 81 20.94 -3.09 5.06
C LEU B 81 20.92 -3.37 6.56
N GLN B 82 21.95 -2.93 7.28
CA GLN B 82 21.93 -2.96 8.72
C GLN B 82 21.20 -1.73 9.24
N MET B 83 20.22 -1.93 10.11
CA MET B 83 19.41 -0.82 10.61
C MET B 83 19.54 -0.79 12.13
N ASN B 84 20.19 0.25 12.64
CA ASN B 84 20.37 0.44 14.08
C ASN B 84 19.66 1.71 14.52
N SER B 85 19.54 1.87 15.84
CA SER B 85 18.91 3.04 16.47
C SER B 85 17.57 3.37 15.82
N LEU B 86 16.72 2.35 15.68
CA LEU B 86 15.52 2.45 14.87
C LEU B 86 14.48 3.34 15.52
N ARG B 87 13.73 4.06 14.69
CA ARG B 87 12.72 4.99 15.16
C ARG B 87 11.40 4.68 14.49
N ALA B 88 10.33 5.28 15.03
CA ALA B 88 8.99 5.08 14.49
C ALA B 88 8.92 5.42 13.00
N GLU B 89 9.56 6.51 12.60
CA GLU B 89 9.52 6.91 11.19
C GLU B 89 10.33 5.98 10.29
N ASP B 90 11.02 4.98 10.83
CA ASP B 90 11.65 3.96 10.00
C ASP B 90 10.69 2.84 9.61
N THR B 91 9.52 2.77 10.24
CA THR B 91 8.49 1.82 9.88
C THR B 91 8.09 2.03 8.42
N ALA B 92 8.25 1.00 7.61
CA ALA B 92 8.13 1.17 6.16
C ALA B 92 8.23 -0.19 5.51
N ILE B 93 7.75 -0.27 4.27
CA ILE B 93 8.06 -1.40 3.42
C ILE B 93 9.42 -1.11 2.79
N TYR B 94 10.37 -2.03 2.96
CA TYR B 94 11.71 -1.85 2.43
C TYR B 94 11.86 -2.70 1.18
N TYR B 95 12.10 -2.04 0.05
CA TYR B 95 12.36 -2.69 -1.21
C TYR B 95 13.82 -2.55 -1.56
N CYS B 96 14.35 -3.54 -2.26
N CYS B 96 14.29 -3.51 -2.34
CA CYS B 96 15.63 -3.35 -2.93
CA CYS B 96 15.59 -3.48 -2.97
C CYS B 96 15.39 -3.37 -4.44
C CYS B 96 15.40 -3.42 -4.47
N SER B 97 16.28 -2.69 -5.16
CA SER B 97 16.18 -2.55 -6.60
C SER B 97 17.57 -2.46 -7.23
N ARG B 98 17.64 -2.71 -8.53
CA ARG B 98 18.86 -2.54 -9.29
C ARG B 98 18.71 -1.35 -10.22
N TRP B 99 19.84 -0.71 -10.52
CA TRP B 99 19.86 0.47 -11.36
C TRP B 99 21.08 0.34 -12.27
N GLY B 100 20.86 0.58 -13.56
CA GLY B 100 21.92 0.48 -14.54
C GLY B 100 22.04 -0.88 -15.19
N GLY B 101 21.19 -1.85 -14.80
CA GLY B 101 21.27 -3.17 -15.39
C GLY B 101 20.85 -3.17 -16.84
N ASP B 102 21.60 -3.88 -17.68
CA ASP B 102 21.44 -3.90 -19.13
C ASP B 102 21.49 -2.50 -19.73
N GLY B 103 22.14 -1.55 -19.04
CA GLY B 103 22.23 -0.17 -19.51
C GLY B 103 20.98 0.67 -19.30
N PHE B 104 19.99 0.16 -18.57
CA PHE B 104 18.78 0.91 -18.27
C PHE B 104 19.01 1.80 -17.06
N TYR B 105 18.93 3.11 -17.28
CA TYR B 105 19.23 4.09 -16.23
C TYR B 105 17.97 4.44 -15.43
N ALA B 106 17.43 3.37 -14.84
CA ALA B 106 16.27 3.43 -13.96
C ALA B 106 16.26 2.16 -13.14
N MET B 107 15.37 2.12 -12.15
CA MET B 107 15.18 0.94 -11.29
C MET B 107 14.23 -0.02 -11.99
N ASP B 108 14.79 -0.98 -12.73
CA ASP B 108 13.93 -1.80 -13.59
C ASP B 108 13.48 -3.09 -12.94
N TYR B 109 14.07 -3.47 -11.82
CA TYR B 109 13.62 -4.65 -11.08
C TYR B 109 13.61 -4.30 -9.60
N TRP B 110 12.53 -4.68 -8.93
CA TRP B 110 12.37 -4.46 -7.50
C TRP B 110 12.03 -5.78 -6.86
N GLY B 111 12.34 -5.91 -5.58
CA GLY B 111 11.86 -7.06 -4.84
C GLY B 111 10.41 -6.89 -4.47
N GLN B 112 9.85 -7.90 -3.83
CA GLN B 112 8.48 -7.78 -3.36
C GLN B 112 8.37 -6.86 -2.16
N GLY B 113 9.48 -6.59 -1.49
CA GLY B 113 9.46 -5.69 -0.36
C GLY B 113 9.37 -6.42 0.97
N THR B 114 10.08 -5.97 1.99
CA THR B 114 9.97 -6.55 3.32
C THR B 114 9.57 -5.47 4.32
N LEU B 115 8.64 -5.81 5.20
CA LEU B 115 7.99 -4.86 6.10
C LEU B 115 8.71 -4.79 7.44
N VAL B 116 9.02 -3.56 7.87
CA VAL B 116 9.70 -3.29 9.12
C VAL B 116 8.75 -2.49 9.98
N THR B 117 8.47 -2.99 11.18
CA THR B 117 7.55 -2.33 12.11
C THR B 117 8.33 -1.96 13.36
N VAL B 118 8.52 -0.66 13.59
CA VAL B 118 9.22 -0.21 14.80
C VAL B 118 8.15 0.12 15.84
N SER B 119 8.07 -0.69 16.88
CA SER B 119 7.02 -0.54 17.87
C SER B 119 7.44 -1.22 19.15
N SER B 120 6.88 -0.75 20.26
CA SER B 120 7.08 -1.39 21.56
C SER B 120 6.05 -2.46 21.85
N ALA B 121 5.01 -2.57 21.04
CA ALA B 121 4.04 -3.64 21.24
C ALA B 121 4.67 -4.99 20.90
N SER B 122 4.04 -6.05 21.37
CA SER B 122 4.58 -7.38 21.18
C SER B 122 3.75 -8.16 20.19
N THR B 123 4.32 -9.28 19.75
CA THR B 123 3.70 -10.11 18.74
C THR B 123 2.45 -10.79 19.29
N LYS B 124 1.43 -10.89 18.46
CA LYS B 124 0.22 -11.60 18.84
C LYS B 124 -0.35 -12.27 17.61
N GLY B 125 -0.60 -13.58 17.72
CA GLY B 125 -1.16 -14.33 16.63
C GLY B 125 -2.66 -14.16 16.54
N PRO B 126 -3.19 -14.23 15.33
CA PRO B 126 -4.63 -14.02 15.14
C PRO B 126 -5.46 -15.18 15.64
N SER B 127 -6.72 -14.89 15.93
CA SER B 127 -7.79 -15.88 15.96
C SER B 127 -8.47 -15.87 14.59
N VAL B 128 -8.79 -17.06 14.08
CA VAL B 128 -9.37 -17.20 12.76
C VAL B 128 -10.77 -17.78 12.92
N PHE B 129 -11.77 -16.95 12.69
CA PHE B 129 -13.13 -17.38 12.85
C PHE B 129 -13.78 -17.50 11.48
N PRO B 130 -14.61 -18.51 11.26
CA PRO B 130 -15.30 -18.65 9.98
C PRO B 130 -16.41 -17.63 9.85
N LEU B 131 -16.66 -17.21 8.62
CA LEU B 131 -17.84 -16.43 8.22
C LEU B 131 -18.75 -17.41 7.47
N ALA B 132 -19.58 -18.11 8.22
CA ALA B 132 -20.30 -19.24 7.66
C ALA B 132 -21.35 -18.74 6.65
N PRO B 133 -21.44 -19.39 5.49
CA PRO B 133 -22.52 -19.05 4.56
C PRO B 133 -23.85 -19.45 5.16
N SER B 134 -24.89 -18.68 4.86
CA SER B 134 -26.20 -18.92 5.45
C SER B 134 -27.25 -18.31 4.54
N SER B 135 -28.51 -18.39 4.98
CA SER B 135 -29.57 -17.74 4.22
C SER B 135 -29.37 -16.23 4.13
N LYS B 136 -28.58 -15.64 5.04
CA LYS B 136 -28.35 -14.20 5.06
C LYS B 136 -27.11 -13.80 4.25
N SER B 137 -26.46 -14.74 3.57
CA SER B 137 -25.29 -14.42 2.75
C SER B 137 -25.42 -15.01 1.36
N THR B 138 -26.64 -15.12 0.86
CA THR B 138 -26.86 -15.72 -0.44
C THR B 138 -27.94 -14.94 -1.19
N SER B 139 -27.78 -14.84 -2.50
CA SER B 139 -28.77 -14.26 -3.39
C SER B 139 -28.40 -14.64 -4.82
N GLY B 140 -29.41 -14.66 -5.69
CA GLY B 140 -29.22 -14.98 -7.09
C GLY B 140 -28.51 -16.29 -7.33
N GLY B 141 -28.65 -17.25 -6.41
CA GLY B 141 -27.97 -18.53 -6.55
C GLY B 141 -26.49 -18.54 -6.23
N THR B 142 -25.94 -17.46 -5.69
CA THR B 142 -24.58 -17.55 -5.17
C THR B 142 -24.56 -17.21 -3.68
N ALA B 143 -23.50 -17.66 -3.02
CA ALA B 143 -23.38 -17.54 -1.57
C ALA B 143 -22.02 -16.99 -1.21
N ALA B 144 -21.97 -16.14 -0.18
CA ALA B 144 -20.73 -15.61 0.35
C ALA B 144 -20.38 -16.35 1.64
N LEU B 145 -19.10 -16.66 1.79
CA LEU B 145 -18.54 -17.17 3.03
C LEU B 145 -17.15 -16.61 3.15
N GLY B 146 -16.53 -16.81 4.31
CA GLY B 146 -15.20 -16.28 4.50
C GLY B 146 -14.59 -16.61 5.84
N CYS B 147 -13.54 -15.87 6.16
CA CYS B 147 -12.78 -16.02 7.39
C CYS B 147 -12.50 -14.65 7.96
N LEU B 148 -12.73 -14.50 9.26
CA LEU B 148 -12.35 -13.31 10.00
C LEU B 148 -11.04 -13.61 10.73
N VAL B 149 -10.01 -12.83 10.44
CA VAL B 149 -8.67 -13.03 10.99
C VAL B 149 -8.47 -11.89 11.99
N LYS B 150 -8.74 -12.17 13.27
CA LYS B 150 -8.89 -11.11 14.27
C LYS B 150 -7.72 -11.05 15.25
N ASP B 151 -7.33 -9.82 15.60
CA ASP B 151 -6.44 -9.53 16.73
C ASP B 151 -5.01 -10.06 16.53
N TYR B 152 -4.34 -9.55 15.51
CA TYR B 152 -2.95 -9.91 15.31
C TYR B 152 -2.06 -8.67 15.30
N PHE B 153 -0.76 -8.89 15.49
CA PHE B 153 0.26 -7.87 15.44
C PHE B 153 1.62 -8.56 15.37
N PRO B 154 2.55 -8.07 14.55
CA PRO B 154 2.33 -6.99 13.58
C PRO B 154 1.77 -7.52 12.27
N GLU B 155 1.56 -6.61 11.32
CA GLU B 155 1.41 -7.04 9.94
C GLU B 155 2.68 -7.79 9.50
N PRO B 156 2.60 -8.68 8.50
CA PRO B 156 1.41 -9.01 7.72
C PRO B 156 0.83 -10.38 8.00
N VAL B 157 -0.39 -10.63 7.52
CA VAL B 157 -0.91 -11.98 7.36
C VAL B 157 -1.16 -12.20 5.87
N THR B 158 -1.18 -13.47 5.49
CA THR B 158 -1.63 -13.86 4.17
C THR B 158 -2.79 -14.84 4.26
N VAL B 159 -3.69 -14.74 3.29
CA VAL B 159 -4.87 -15.58 3.24
C VAL B 159 -4.98 -16.12 1.82
N SER B 160 -5.17 -17.44 1.71
CA SER B 160 -5.51 -18.07 0.45
C SER B 160 -6.70 -18.98 0.71
N TRP B 161 -7.28 -19.50 -0.36
CA TRP B 161 -8.45 -20.38 -0.30
C TRP B 161 -8.14 -21.67 -1.05
N ASN B 162 -8.34 -22.80 -0.38
CA ASN B 162 -8.07 -24.11 -0.95
C ASN B 162 -6.66 -24.17 -1.51
N SER B 163 -5.72 -23.71 -0.70
CA SER B 163 -4.28 -23.77 -1.01
C SER B 163 -3.96 -23.03 -2.29
N GLY B 164 -4.71 -21.96 -2.57
CA GLY B 164 -4.49 -21.16 -3.75
C GLY B 164 -5.15 -21.67 -5.01
N ALA B 165 -5.87 -22.79 -4.92
CA ALA B 165 -6.61 -23.30 -6.06
C ALA B 165 -7.93 -22.55 -6.27
N LEU B 166 -8.38 -21.77 -5.29
CA LEU B 166 -9.59 -20.97 -5.40
C LEU B 166 -9.19 -19.50 -5.38
N THR B 167 -9.37 -18.82 -6.50
CA THR B 167 -9.01 -17.41 -6.60
C THR B 167 -10.18 -16.59 -7.11
N SER B 168 -11.01 -17.19 -7.96
CA SER B 168 -12.11 -16.47 -8.56
C SER B 168 -13.13 -16.06 -7.49
N GLY B 169 -13.56 -14.81 -7.55
CA GLY B 169 -14.54 -14.33 -6.60
C GLY B 169 -14.04 -14.13 -5.19
N VAL B 170 -12.74 -14.10 -4.98
CA VAL B 170 -12.16 -13.90 -3.65
C VAL B 170 -11.97 -12.40 -3.43
N HIS B 171 -12.39 -11.91 -2.26
CA HIS B 171 -12.08 -10.55 -1.82
C HIS B 171 -11.45 -10.66 -0.45
N THR B 172 -10.15 -10.42 -0.37
CA THR B 172 -9.42 -10.35 0.89
C THR B 172 -9.23 -8.88 1.21
N PHE B 173 -9.86 -8.42 2.28
CA PHE B 173 -9.93 -6.99 2.52
C PHE B 173 -8.64 -6.47 3.13
N PRO B 174 -8.33 -5.19 2.93
CA PRO B 174 -7.20 -4.59 3.64
C PRO B 174 -7.43 -4.69 5.13
N CYS B 175 -6.34 -4.90 5.86
CA CYS B 175 -6.46 -4.95 7.31
C CYS B 175 -6.98 -3.64 7.84
N VAL B 176 -7.50 -3.69 9.06
CA VAL B 176 -7.88 -2.51 9.82
CA VAL B 176 -7.86 -2.51 9.81
C VAL B 176 -7.13 -2.54 11.14
N LEU B 177 -6.60 -1.39 11.54
CA LEU B 177 -5.96 -1.24 12.84
C LEU B 177 -7.08 -0.92 13.83
N GLN B 178 -7.31 -1.82 14.77
CA GLN B 178 -8.34 -1.61 15.78
C GLN B 178 -7.80 -0.69 16.87
N SER B 179 -8.73 -0.08 17.62
CA SER B 179 -8.30 0.85 18.66
C SER B 179 -7.48 0.16 19.74
N SER B 180 -7.63 -1.17 19.89
CA SER B 180 -6.74 -1.94 20.76
C SER B 180 -5.29 -1.91 20.30
N GLY B 181 -5.00 -1.45 19.09
CA GLY B 181 -3.67 -1.57 18.54
C GLY B 181 -3.42 -2.87 17.81
N LEU B 182 -4.42 -3.73 17.68
CA LEU B 182 -4.29 -5.00 16.99
C LEU B 182 -4.96 -4.91 15.63
N TYR B 183 -4.42 -5.63 14.66
CA TYR B 183 -5.01 -5.63 13.33
C TYR B 183 -6.10 -6.68 13.23
N SER B 184 -6.89 -6.54 12.18
CA SER B 184 -7.94 -7.48 11.85
C SER B 184 -8.22 -7.38 10.37
N LEU B 185 -8.42 -8.51 9.72
CA LEU B 185 -8.91 -8.49 8.34
C LEU B 185 -9.85 -9.65 8.13
N SER B 186 -10.73 -9.47 7.15
CA SER B 186 -11.63 -10.50 6.67
C SER B 186 -11.31 -10.80 5.22
N SER B 187 -11.59 -12.03 4.83
CA SER B 187 -11.43 -12.49 3.46
C SER B 187 -12.67 -13.28 3.10
N VAL B 188 -13.31 -12.92 1.99
CA VAL B 188 -14.56 -13.57 1.61
C VAL B 188 -14.40 -14.12 0.21
N VAL B 189 -15.24 -15.10 -0.09
CA VAL B 189 -15.32 -15.65 -1.43
C VAL B 189 -16.79 -15.90 -1.73
N THR B 190 -17.16 -15.71 -3.00
CA THR B 190 -18.51 -15.93 -3.46
C THR B 190 -18.50 -17.19 -4.33
N VAL B 191 -19.45 -18.09 -4.11
CA VAL B 191 -19.45 -19.40 -4.77
C VAL B 191 -20.89 -19.79 -5.10
N PRO B 192 -21.05 -20.78 -6.00
CA PRO B 192 -22.43 -21.23 -6.30
C PRO B 192 -23.08 -21.81 -5.06
N SER B 193 -24.35 -21.43 -4.86
CA SER B 193 -25.09 -21.95 -3.70
C SER B 193 -25.12 -23.47 -3.71
N SER B 194 -25.24 -24.07 -4.90
CA SER B 194 -25.34 -25.52 -5.00
C SER B 194 -24.05 -26.24 -4.63
N SER B 195 -22.91 -25.53 -4.63
CA SER B 195 -21.67 -26.17 -4.23
C SER B 195 -21.52 -26.29 -2.71
N LEU B 196 -22.29 -25.53 -1.93
CA LEU B 196 -22.16 -25.60 -0.48
C LEU B 196 -22.52 -27.00 0.02
N GLY B 197 -21.57 -27.67 0.67
CA GLY B 197 -21.77 -29.00 1.19
C GLY B 197 -21.13 -30.10 0.36
N THR B 198 -20.94 -29.86 -0.94
CA THR B 198 -20.19 -30.81 -1.76
C THR B 198 -18.75 -30.37 -1.97
N GLN B 199 -18.52 -29.06 -2.14
CA GLN B 199 -17.18 -28.51 -2.28
C GLN B 199 -16.65 -28.05 -0.92
N THR B 200 -15.48 -28.56 -0.54
CA THR B 200 -14.80 -28.10 0.67
C THR B 200 -14.22 -26.70 0.46
N TYR B 201 -14.40 -25.84 1.46
CA TYR B 201 -13.87 -24.48 1.43
C TYR B 201 -13.04 -24.25 2.67
N ILE B 202 -11.75 -23.97 2.48
CA ILE B 202 -10.79 -23.77 3.57
C ILE B 202 -10.00 -22.50 3.28
N CYS B 203 -9.93 -21.61 4.26
CA CYS B 203 -9.04 -20.46 4.18
C CYS B 203 -7.71 -20.81 4.85
N ASN B 204 -6.61 -20.56 4.14
CA ASN B 204 -5.27 -20.83 4.65
C ASN B 204 -4.72 -19.52 5.16
N VAL B 205 -4.61 -19.40 6.47
CA VAL B 205 -4.13 -18.18 7.11
C VAL B 205 -2.71 -18.42 7.59
N ASN B 206 -1.82 -17.48 7.26
CA ASN B 206 -0.44 -17.55 7.77
C ASN B 206 -0.09 -16.18 8.33
N HIS B 207 0.29 -16.16 9.61
CA HIS B 207 0.82 -14.99 10.30
C HIS B 207 2.24 -15.36 10.70
N LYS B 208 3.17 -15.16 9.78
CA LYS B 208 4.55 -15.59 10.04
C LYS B 208 5.17 -14.94 11.27
N PRO B 209 4.90 -13.68 11.63
CA PRO B 209 5.56 -13.10 12.81
C PRO B 209 5.33 -13.88 14.10
N SER B 210 4.22 -14.61 14.22
CA SER B 210 3.93 -15.41 15.39
C SER B 210 3.94 -16.91 15.10
N ASN B 211 4.47 -17.32 13.95
CA ASN B 211 4.48 -18.72 13.51
C ASN B 211 3.08 -19.34 13.57
N THR B 212 2.08 -18.56 13.16
CA THR B 212 0.69 -19.01 13.20
C THR B 212 0.24 -19.38 11.80
N LYS B 213 0.02 -20.67 11.56
CA LYS B 213 -0.51 -21.19 10.30
C LYS B 213 -1.81 -21.94 10.60
N VAL B 214 -2.92 -21.50 10.02
CA VAL B 214 -4.25 -22.01 10.30
C VAL B 214 -4.96 -22.29 8.98
N ASP B 215 -5.54 -23.49 8.88
CA ASP B 215 -6.37 -23.90 7.75
C ASP B 215 -7.76 -24.12 8.34
N LYS B 216 -8.65 -23.15 8.15
CA LYS B 216 -9.98 -23.16 8.76
C LYS B 216 -11.01 -23.60 7.72
N LYS B 217 -11.73 -24.66 8.02
CA LYS B 217 -12.81 -25.11 7.15
C LYS B 217 -14.06 -24.31 7.48
N VAL B 218 -14.70 -23.78 6.45
CA VAL B 218 -15.91 -22.97 6.57
C VAL B 218 -17.06 -23.77 5.98
N GLU B 219 -18.05 -24.06 6.79
CA GLU B 219 -19.24 -24.78 6.35
C GLU B 219 -20.50 -24.08 6.83
N PRO B 220 -21.65 -24.38 6.22
CA PRO B 220 -22.90 -23.84 6.74
C PRO B 220 -23.13 -24.30 8.18
N LYS B 221 -23.57 -23.38 9.02
CA LYS B 221 -23.91 -23.72 10.40
C LYS B 221 -25.19 -24.52 10.40
N SER B 222 -25.13 -25.72 10.98
CA SER B 222 -26.31 -26.56 11.09
C SER B 222 -27.09 -26.22 12.35
N CYS B 223 -28.39 -26.53 12.32
CA CYS B 223 -29.29 -26.27 13.43
C CYS B 223 -30.29 -27.41 13.62
N SER C 2 -4.55 25.30 5.67
CA SER C 2 -5.04 23.93 5.83
C SER C 2 -5.15 23.24 4.48
N GLU C 3 -5.36 21.92 4.49
CA GLU C 3 -5.45 21.12 3.28
C GLU C 3 -6.88 21.07 2.78
N VAL C 4 -7.06 21.28 1.48
CA VAL C 4 -8.36 21.13 0.85
C VAL C 4 -8.20 20.29 -0.41
N THR C 5 -9.33 19.79 -0.90
CA THR C 5 -9.40 19.04 -2.14
C THR C 5 -10.26 19.83 -3.11
N ILE C 6 -9.68 20.19 -4.25
CA ILE C 6 -10.44 20.81 -5.33
C ILE C 6 -10.87 19.72 -6.29
N LYS C 7 -12.18 19.50 -6.42
CA LYS C 7 -12.70 18.50 -7.35
C LYS C 7 -12.97 19.16 -8.69
N VAL C 8 -12.53 18.50 -9.76
CA VAL C 8 -12.61 19.07 -11.09
C VAL C 8 -13.26 18.06 -12.03
N ASN C 9 -14.24 18.52 -12.80
CA ASN C 9 -14.77 17.79 -13.94
C ASN C 9 -14.04 18.23 -15.20
N LEU C 10 -13.52 17.26 -15.95
CA LEU C 10 -12.83 17.51 -17.19
C LEU C 10 -13.77 17.10 -18.32
N ILE C 11 -14.33 18.08 -19.01
CA ILE C 11 -15.39 17.87 -20.00
C ILE C 11 -14.81 18.11 -21.38
N PHE C 12 -14.66 17.04 -22.15
CA PHE C 12 -13.95 17.14 -23.42
C PHE C 12 -14.95 17.39 -24.57
N ALA C 13 -14.43 17.86 -25.70
CA ALA C 13 -15.30 18.26 -26.80
C ALA C 13 -16.18 17.12 -27.27
N ASP C 14 -15.68 15.89 -27.25
CA ASP C 14 -16.45 14.76 -27.76
C ASP C 14 -17.49 14.24 -26.76
N GLY C 15 -17.67 14.92 -25.62
CA GLY C 15 -18.62 14.47 -24.63
C GLY C 15 -18.05 13.59 -23.54
N LYS C 16 -16.79 13.17 -23.66
CA LYS C 16 -16.16 12.35 -22.64
C LYS C 16 -15.87 13.19 -21.39
N ILE C 17 -16.09 12.59 -20.22
CA ILE C 17 -15.89 13.28 -18.96
C ILE C 17 -14.88 12.50 -18.12
N GLN C 18 -13.86 13.20 -17.63
CA GLN C 18 -12.99 12.66 -16.60
C GLN C 18 -13.12 13.54 -15.36
N THR C 19 -12.78 12.98 -14.22
CA THR C 19 -12.74 13.74 -12.99
C THR C 19 -11.36 13.61 -12.36
N ALA C 20 -10.98 14.66 -11.63
CA ALA C 20 -9.66 14.71 -11.03
C ALA C 20 -9.75 15.49 -9.74
N GLU C 21 -8.77 15.25 -8.88
CA GLU C 21 -8.66 15.93 -7.61
C GLU C 21 -7.27 16.54 -7.48
N PHE C 22 -7.25 17.75 -6.95
CA PHE C 22 -6.02 18.42 -6.57
C PHE C 22 -6.11 18.76 -5.10
N LYS C 23 -5.03 18.49 -4.37
CA LYS C 23 -5.00 18.65 -2.93
C LYS C 23 -3.85 19.58 -2.56
N GLY C 24 -3.99 20.23 -1.41
CA GLY C 24 -2.99 21.16 -0.93
C GLY C 24 -3.67 22.31 -0.26
N THR C 25 -2.94 23.41 -0.08
CA THR C 25 -3.64 24.61 0.34
C THR C 25 -4.54 25.04 -0.80
N PHE C 26 -5.61 25.77 -0.45
CA PHE C 26 -6.53 26.22 -1.49
C PHE C 26 -5.78 26.89 -2.63
N GLU C 27 -4.73 27.66 -2.30
CA GLU C 27 -4.01 28.40 -3.34
C GLU C 27 -3.13 27.46 -4.17
N GLU C 28 -2.51 26.46 -3.52
CA GLU C 28 -1.74 25.47 -4.27
C GLU C 28 -2.64 24.62 -5.15
N ALA C 29 -3.76 24.15 -4.60
CA ALA C 29 -4.65 23.30 -5.37
C ALA C 29 -5.20 24.05 -6.57
N THR C 30 -5.55 25.32 -6.38
CA THR C 30 -6.04 26.16 -7.47
C THR C 30 -5.01 26.27 -8.58
N ALA C 31 -3.79 26.68 -8.22
CA ALA C 31 -2.73 26.85 -9.21
C ALA C 31 -2.45 25.55 -9.95
N GLU C 32 -2.46 24.42 -9.26
CA GLU C 32 -2.23 23.14 -9.93
C GLU C 32 -3.34 22.84 -10.93
N ALA C 33 -4.59 23.12 -10.55
CA ALA C 33 -5.71 22.83 -11.46
C ALA C 33 -5.57 23.64 -12.74
N TYR C 34 -5.38 24.96 -12.62
CA TYR C 34 -5.23 25.78 -13.82
C TYR C 34 -4.02 25.34 -14.63
N ARG C 35 -2.91 25.02 -13.98
CA ARG C 35 -1.75 24.53 -14.71
C ARG C 35 -2.07 23.25 -15.47
N TYR C 36 -2.82 22.34 -14.84
CA TYR C 36 -3.20 21.09 -15.49
C TYR C 36 -4.18 21.32 -16.63
N ALA C 37 -5.15 22.21 -16.41
CA ALA C 37 -6.06 22.60 -17.48
C ALA C 37 -5.30 23.10 -18.71
N ALA C 38 -4.32 23.97 -18.50
CA ALA C 38 -3.58 24.52 -19.63
C ALA C 38 -2.76 23.45 -20.34
N LEU C 39 -2.25 22.45 -19.59
CA LEU C 39 -1.51 21.39 -20.24
C LEU C 39 -2.42 20.58 -21.16
N LEU C 40 -3.58 20.15 -20.65
CA LEU C 40 -4.52 19.41 -21.47
C LEU C 40 -5.05 20.24 -22.64
N ALA C 41 -5.11 21.58 -22.47
CA ALA C 41 -5.57 22.43 -23.57
C ALA C 41 -4.66 22.31 -24.79
N LYS C 42 -3.38 22.02 -24.58
CA LYS C 42 -2.45 21.90 -25.70
C LYS C 42 -2.95 20.90 -26.74
N VAL C 43 -3.51 19.78 -26.29
CA VAL C 43 -3.92 18.73 -27.21
C VAL C 43 -5.43 18.62 -27.32
N ASN C 44 -6.19 19.18 -26.38
CA ASN C 44 -7.63 19.05 -26.36
C ASN C 44 -8.36 20.33 -26.70
N GLY C 45 -7.63 21.40 -27.03
CA GLY C 45 -8.24 22.66 -27.38
C GLY C 45 -8.37 23.59 -26.18
N GLU C 46 -8.57 24.87 -26.50
CA GLU C 46 -8.72 25.90 -25.48
C GLU C 46 -9.70 25.48 -24.40
N TYR C 47 -9.38 25.81 -23.15
CA TYR C 47 -10.24 25.46 -22.03
C TYR C 47 -10.92 26.70 -21.49
N THR C 48 -12.05 26.48 -20.84
CA THR C 48 -12.66 27.49 -19.98
C THR C 48 -13.06 26.77 -18.70
N ALA C 49 -12.94 27.48 -17.58
CA ALA C 49 -13.10 26.85 -16.27
C ALA C 49 -14.16 27.60 -15.48
N ASP C 50 -15.29 26.93 -15.20
CA ASP C 50 -16.34 27.47 -14.35
C ASP C 50 -16.09 27.03 -12.91
N LEU C 51 -16.32 27.94 -11.98
CA LEU C 51 -16.00 27.70 -10.58
C LEU C 51 -17.28 27.73 -9.76
N GLU C 52 -17.56 26.63 -9.06
CA GLU C 52 -18.65 26.53 -8.11
C GLU C 52 -18.10 26.35 -6.71
N ASP C 53 -18.92 26.68 -5.72
CA ASP C 53 -18.63 26.37 -4.32
C ASP C 53 -17.34 27.07 -3.86
N GLY C 54 -17.34 28.39 -4.01
CA GLY C 54 -16.19 29.18 -3.61
C GLY C 54 -14.88 28.79 -4.27
N GLY C 55 -14.95 28.10 -5.41
CA GLY C 55 -13.75 27.64 -6.09
C GLY C 55 -13.27 26.26 -5.71
N ASN C 56 -13.96 25.56 -4.81
CA ASN C 56 -13.55 24.21 -4.42
C ASN C 56 -13.95 23.15 -5.44
N HIS C 57 -14.78 23.51 -6.40
CA HIS C 57 -15.15 22.62 -7.49
C HIS C 57 -15.02 23.37 -8.80
N MET C 58 -14.55 22.69 -9.83
CA MET C 58 -14.37 23.31 -11.14
C MET C 58 -14.95 22.41 -12.23
N ASN C 59 -15.62 23.04 -13.18
CA ASN C 59 -15.99 22.44 -14.45
C ASN C 59 -15.08 23.03 -15.52
N ILE C 60 -14.28 22.19 -16.15
CA ILE C 60 -13.33 22.64 -17.15
C ILE C 60 -13.69 21.97 -18.47
N LYS C 61 -14.24 22.76 -19.39
CA LYS C 61 -14.55 22.32 -20.75
C LYS C 61 -13.37 22.59 -21.67
N PHE C 62 -13.12 21.66 -22.59
CA PHE C 62 -12.13 21.85 -23.63
C PHE C 62 -12.85 21.98 -24.97
N ALA C 63 -12.37 22.92 -25.78
CA ALA C 63 -13.04 23.28 -27.03
C ALA C 63 -12.81 22.27 -28.15
N GLY C 64 -11.85 21.37 -28.01
CA GLY C 64 -11.55 20.42 -29.06
C GLY C 64 -10.45 20.90 -29.97
N GLY D 1 38.19 -9.26 7.81
CA GLY D 1 38.75 -8.04 7.26
C GLY D 1 39.58 -7.23 8.24
N SER D 2 40.62 -6.56 7.75
CA SER D 2 41.50 -5.77 8.60
C SER D 2 41.01 -4.32 8.69
N TYR D 3 41.59 -3.58 9.63
CA TYR D 3 41.18 -2.20 9.90
C TYR D 3 42.40 -1.34 10.19
N ASN D 4 42.27 -0.04 9.90
CA ASN D 4 43.29 0.92 10.29
C ASN D 4 43.03 1.40 11.72
N LYS D 5 43.97 2.19 12.25
CA LYS D 5 43.86 2.58 13.66
C LYS D 5 42.62 3.43 13.94
N ASP D 6 42.20 4.26 12.97
CA ASP D 6 40.98 5.05 13.17
C ASP D 6 39.76 4.15 13.30
N GLN D 7 39.67 3.14 12.43
CA GLN D 7 38.55 2.20 12.49
C GLN D 7 38.62 1.33 13.73
N GLN D 8 39.83 0.95 14.15
CA GLN D 8 39.99 0.21 15.39
C GLN D 8 39.48 1.01 16.57
N SER D 9 39.74 2.31 16.57
CA SER D 9 39.28 3.15 17.67
C SER D 9 37.75 3.15 17.77
N ALA D 10 37.08 3.23 16.62
CA ALA D 10 35.62 3.21 16.59
C ALA D 10 35.07 1.95 17.24
N PHE D 11 35.61 0.78 16.85
CA PHE D 11 35.25 -0.48 17.49
C PHE D 11 35.40 -0.38 18.99
N TYR D 12 36.54 0.14 19.43
CA TYR D 12 36.86 0.18 20.86
C TYR D 12 35.85 1.02 21.61
N GLU D 13 35.53 2.21 21.09
CA GLU D 13 34.55 3.07 21.73
C GLU D 13 33.19 2.39 21.85
N ILE D 14 32.73 1.76 20.77
CA ILE D 14 31.39 1.18 20.81
C ILE D 14 31.34 -0.04 21.73
N LEU D 15 32.41 -0.84 21.73
CA LEU D 15 32.47 -1.98 22.63
C LEU D 15 32.37 -1.54 24.08
N ASN D 16 32.93 -0.37 24.41
CA ASN D 16 33.01 0.08 25.79
C ASN D 16 31.80 0.86 26.27
N MET D 17 30.86 1.20 25.39
CA MET D 17 29.74 2.06 25.82
C MET D 17 28.86 1.37 26.85
N PRO D 18 28.65 1.97 28.03
CA PRO D 18 27.96 1.25 29.11
C PRO D 18 26.44 1.16 28.97
N ASN D 19 25.79 2.03 28.20
CA ASN D 19 24.34 2.07 28.18
C ASN D 19 23.71 1.41 26.95
N LEU D 20 24.50 0.78 26.09
CA LEU D 20 23.95 0.00 25.00
C LEU D 20 23.61 -1.40 25.50
N ASN D 21 22.49 -1.96 25.02
CA ASN D 21 22.36 -3.38 25.23
C ASN D 21 23.17 -4.11 24.16
N GLU D 22 23.25 -5.44 24.28
CA GLU D 22 24.15 -6.19 23.41
C GLU D 22 23.66 -6.27 21.97
N ALA D 23 22.34 -6.25 21.75
CA ALA D 23 21.84 -6.20 20.38
C ALA D 23 22.28 -4.91 19.70
N GLN D 24 22.17 -3.80 20.42
CA GLN D 24 22.55 -2.51 19.85
C GLN D 24 24.05 -2.44 19.61
N ARG D 25 24.84 -2.83 20.61
CA ARG D 25 26.30 -2.78 20.47
C ARG D 25 26.76 -3.57 19.26
N ASN D 26 26.29 -4.82 19.13
CA ASN D 26 26.72 -5.63 17.99
C ASN D 26 26.17 -5.10 16.67
N GLY D 27 24.95 -4.55 16.69
CA GLY D 27 24.41 -3.93 15.48
C GLY D 27 25.28 -2.78 14.98
N PHE D 28 25.76 -1.94 15.88
CA PHE D 28 26.67 -0.87 15.47
C PHE D 28 28.02 -1.42 15.04
N ILE D 29 28.52 -2.45 15.72
CA ILE D 29 29.79 -3.04 15.30
C ILE D 29 29.64 -3.63 13.91
N GLN D 30 28.51 -4.29 13.66
CA GLN D 30 28.25 -4.82 12.33
C GLN D 30 28.29 -3.72 11.27
N SER D 31 27.77 -2.53 11.60
CA SER D 31 27.82 -1.43 10.64
C SER D 31 29.24 -1.01 10.35
N LEU D 32 30.08 -0.86 11.40
CA LEU D 32 31.49 -0.55 11.19
C LEU D 32 32.14 -1.54 10.25
N LYS D 33 31.79 -2.83 10.37
CA LYS D 33 32.34 -3.81 9.43
C LYS D 33 31.73 -3.62 8.05
N ASP D 34 30.41 -3.41 7.99
CA ASP D 34 29.69 -3.26 6.72
C ASP D 34 30.34 -2.23 5.82
N ASP D 35 30.59 -1.03 6.37
CA ASP D 35 30.91 0.15 5.57
C ASP D 35 31.85 1.05 6.34
N PRO D 36 33.16 0.78 6.26
CA PRO D 36 34.12 1.59 7.02
C PRO D 36 34.11 3.06 6.67
N SER D 37 33.69 3.43 5.46
CA SER D 37 33.60 4.85 5.12
C SER D 37 32.64 5.59 6.05
N GLN D 38 31.70 4.88 6.65
CA GLN D 38 30.71 5.45 7.55
C GLN D 38 31.17 5.46 9.01
N SER D 39 32.39 5.00 9.27
CA SER D 39 32.90 4.85 10.63
C SER D 39 32.56 6.04 11.54
N THR D 40 32.87 7.25 11.10
CA THR D 40 32.64 8.43 11.93
C THR D 40 31.16 8.67 12.18
N ASN D 41 30.34 8.55 11.14
CA ASN D 41 28.88 8.70 11.30
C ASN D 41 28.29 7.60 12.17
N VAL D 42 28.71 6.35 11.98
CA VAL D 42 28.21 5.26 12.79
C VAL D 42 28.59 5.47 14.26
N LEU D 43 29.79 5.95 14.50
CA LEU D 43 30.23 6.20 15.87
C LEU D 43 29.40 7.31 16.52
N GLY D 44 29.05 8.35 15.76
CA GLY D 44 28.28 9.45 16.31
C GLY D 44 26.86 9.04 16.68
N GLU D 45 26.23 8.20 15.85
CA GLU D 45 24.89 7.71 16.18
C GLU D 45 24.93 6.76 17.36
N ALA D 46 25.97 5.92 17.44
CA ALA D 46 26.14 5.07 18.62
C ALA D 46 26.27 5.90 19.89
N LYS D 47 27.07 6.99 19.83
CA LYS D 47 27.19 7.85 20.99
C LYS D 47 25.84 8.43 21.39
N LYS D 48 25.06 8.87 20.40
CA LYS D 48 23.77 9.48 20.70
C LYS D 48 22.85 8.48 21.40
N LEU D 49 22.81 7.24 20.91
CA LEU D 49 21.94 6.25 21.52
C LEU D 49 22.43 5.89 22.92
N ASN D 50 23.75 5.85 23.11
CA ASN D 50 24.30 5.54 24.43
C ASN D 50 23.97 6.62 25.44
N GLU D 51 24.10 7.89 25.05
CA GLU D 51 23.76 8.98 25.94
C GLU D 51 22.27 8.98 26.28
N SER D 52 21.42 8.74 25.28
CA SER D 52 19.98 8.79 25.53
C SER D 52 19.52 7.68 26.44
N GLN D 53 20.28 6.58 26.54
CA GLN D 53 19.93 5.47 27.42
C GLN D 53 20.66 5.54 28.77
N ALA D 54 21.26 6.67 29.11
CA ALA D 54 21.95 6.78 30.40
C ALA D 54 20.98 6.58 31.56
N SER E 2 -2.89 13.19 -0.64
CA SER E 2 -3.12 11.78 -0.37
C SER E 2 -1.80 11.05 -0.10
N GLN E 3 -1.82 10.13 0.85
CA GLN E 3 -0.63 9.42 1.31
CA GLN E 3 -0.61 9.42 1.25
C GLN E 3 -0.81 7.92 1.16
N PHE E 4 0.31 7.23 1.16
CA PHE E 4 0.36 5.76 1.13
C PHE E 4 -0.28 5.17 2.37
N ASP E 5 -0.91 4.01 2.21
CA ASP E 5 -1.59 3.32 3.29
C ASP E 5 -0.99 1.92 3.44
N PHE E 6 -0.56 1.59 4.67
CA PHE E 6 0.08 0.30 4.90
C PHE E 6 -0.90 -0.85 4.63
N CYS E 7 -2.16 -0.70 5.06
CA CYS E 7 -3.05 -1.86 5.00
C CYS E 7 -3.55 -2.11 3.58
N THR E 8 -3.85 -1.04 2.81
CA THR E 8 -4.27 -1.18 1.42
C THR E 8 -3.10 -1.32 0.46
N ARG E 9 -1.89 -0.96 0.88
CA ARG E 9 -0.72 -0.94 0.01
C ARG E 9 -0.93 -0.04 -1.21
N ARG E 10 -1.76 1.00 -1.04
CA ARG E 10 -2.09 1.91 -2.11
C ARG E 10 -2.22 3.32 -1.56
N LEU E 11 -2.07 4.30 -2.44
CA LEU E 11 -2.44 5.65 -2.08
C LEU E 11 -3.90 5.66 -1.64
N GLN E 12 -4.19 6.31 -0.52
CA GLN E 12 -5.55 6.34 -0.01
C GLN E 12 -6.42 7.24 -0.87
N SER E 13 -7.72 6.97 -0.85
CA SER E 13 -8.72 7.88 -1.41
C SER E 13 -10.12 7.42 -1.03
#